data_5YSY
#
_entry.id   5YSY
#
_cell.length_a   44.682
_cell.length_b   51.538
_cell.length_c   132.651
_cell.angle_alpha   90.00
_cell.angle_beta   90.00
_cell.angle_gamma   90.00
#
_symmetry.space_group_name_H-M   'P 21 21 21'
#
loop_
_entity.id
_entity.type
_entity.pdbx_description
1 polymer 'Vitamin D3 receptor'
2 non-polymer '(1R,2R,3R)-5-[(E)-2-[(1R,3aS,7aR)-7a-methyl-1-[(2R)-6-methyl-6-oxidanyl-heptan-2-yl]-1,2,3,3a,6,7-hexahydroinden-4-yl]e thenyl]-2-(3-oxidanylpropyl)cyclohex-4-ene-1,3-diol'
3 water water
#
_entity_poly.entity_id   1
_entity_poly.type   'polypeptide(L)'
_entity_poly.pdbx_seq_one_letter_code
;DSLRPKLSEEQQRIIAILLDAHHKTYDPTYSDFCQFRPPVRVNDGGGSVTLELSQLSMLPHLADLVSYSIQKVIGFAKMI
PGFRDLTSEDQIVLLKSSAIEVIMLRSNESFTMDDMSWTCGNQDYKYRVSDVTKAGHSLELIEPLIKFQVGLKKLNLHEE
EHVLLMAICIVSPDRPGVQDAALIEAIQDRLSNTLQTYIRCRHPPPGSHLLYAKMIQKLADLRSLNEEHSKQYRCLSFQP
ECSMKLTPLVLEVFG
;
_entity_poly.pdbx_strand_id   A
#
loop_
_chem_comp.id
_chem_comp.type
_chem_comp.name
_chem_comp.formula
90L non-polymer '(1R,2R,3R)-5-[(E)-2-[(1R,3aS,7aR)-7a-methyl-1-[(2R)-6-methyl-6-oxidanyl-heptan-2-yl]-1,2,3,3a,6,7-hexahydroinden-4-yl]e thenyl]-2-(3-oxidanylpropyl)cyclohex-4-ene-1,3-diol' 'C29 H48 O4'
#
# COMPACT_ATOMS: atom_id res chain seq x y z
N ASP A 1 -10.73 -24.23 24.58
CA ASP A 1 -11.29 -24.92 23.38
C ASP A 1 -10.17 -25.30 22.39
N SER A 2 -10.01 -24.57 21.26
CA SER A 2 -10.79 -23.36 20.93
C SER A 2 -11.46 -23.49 19.55
N LEU A 3 -12.61 -22.83 19.40
CA LEU A 3 -13.53 -23.09 18.29
C LEU A 3 -12.98 -22.60 16.94
N ARG A 4 -13.28 -23.38 15.92
CA ARG A 4 -12.90 -23.09 14.56
C ARG A 4 -14.15 -23.13 13.69
N PRO A 5 -15.04 -22.10 13.82
CA PRO A 5 -16.21 -22.11 12.95
C PRO A 5 -15.78 -22.15 11.48
N LYS A 6 -16.63 -22.73 10.65
CA LYS A 6 -16.39 -22.79 9.22
C LYS A 6 -16.70 -21.43 8.63
N LEU A 7 -16.08 -21.11 7.50
CA LEU A 7 -16.45 -19.91 6.76
C LEU A 7 -17.90 -20.06 6.32
N SER A 8 -18.69 -19.02 6.52
CA SER A 8 -20.05 -18.98 5.98
C SER A 8 -20.03 -18.89 4.44
N GLU A 9 -21.19 -19.05 3.81
CA GLU A 9 -21.30 -18.84 2.39
C GLU A 9 -20.95 -17.40 2.04
N GLU A 10 -21.44 -16.47 2.86
CA GLU A 10 -21.15 -15.04 2.69
C GLU A 10 -19.67 -14.70 2.81
N GLN A 11 -19.00 -15.21 3.83
CA GLN A 11 -17.55 -15.02 3.99
C GLN A 11 -16.79 -15.62 2.80
N GLN A 12 -17.22 -16.79 2.35
CA GLN A 12 -16.70 -17.37 1.10
C GLN A 12 -16.89 -16.48 -0.15
N ARG A 13 -18.03 -15.81 -0.26
CA ARG A 13 -18.29 -14.93 -1.38
C ARG A 13 -17.39 -13.70 -1.28
N ILE A 14 -17.31 -13.14 -0.07
CA ILE A 14 -16.42 -11.98 0.23
C ILE A 14 -14.98 -12.24 -0.23
N ILE A 15 -14.45 -13.41 0.14
CA ILE A 15 -13.09 -13.76 -0.24
C ILE A 15 -12.93 -13.90 -1.76
N ALA A 16 -13.92 -14.54 -2.43
CA ALA A 16 -13.91 -14.74 -3.88
C ALA A 16 -13.89 -13.40 -4.59
N ILE A 17 -14.74 -12.48 -4.14
CA ILE A 17 -14.85 -11.13 -4.69
C ILE A 17 -13.53 -10.33 -4.57
N LEU A 18 -12.92 -10.41 -3.38
CA LEU A 18 -11.64 -9.72 -3.12
C LEU A 18 -10.48 -10.29 -3.92
N LEU A 19 -10.42 -11.61 -4.04
CA LEU A 19 -9.44 -12.26 -4.89
C LEU A 19 -9.60 -11.79 -6.32
N ASP A 20 -10.83 -11.85 -6.85
CA ASP A 20 -11.13 -11.36 -8.22
C ASP A 20 -10.77 -9.89 -8.40
N ALA A 21 -11.16 -9.05 -7.43
CA ALA A 21 -10.84 -7.62 -7.46
C ALA A 21 -9.32 -7.38 -7.58
N HIS A 22 -8.55 -8.09 -6.75
CA HIS A 22 -7.07 -7.99 -6.81
C HIS A 22 -6.51 -8.50 -8.16
N HIS A 23 -7.01 -9.64 -8.64
CA HIS A 23 -6.47 -10.15 -9.95
C HIS A 23 -6.75 -9.22 -11.12
N LYS A 24 -7.79 -8.40 -11.01
CA LYS A 24 -8.16 -7.42 -12.05
C LYS A 24 -7.44 -6.09 -11.92
N THR A 25 -6.80 -5.85 -10.78
CA THR A 25 -6.19 -4.52 -10.51
C THR A 25 -4.69 -4.59 -10.16
N TYR A 26 -4.14 -5.81 -10.13
CA TYR A 26 -2.73 -6.01 -9.89
C TYR A 26 -2.15 -6.85 -11.03
N ASP A 27 -1.38 -6.23 -11.93
CA ASP A 27 -0.69 -6.96 -13.02
C ASP A 27 0.72 -7.47 -12.57
N PRO A 28 0.87 -8.79 -12.33
CA PRO A 28 2.12 -9.30 -11.80
C PRO A 28 3.22 -9.41 -12.85
N THR A 29 2.94 -8.99 -14.09
CA THR A 29 3.97 -8.85 -15.14
C THR A 29 4.46 -7.40 -15.28
N TYR A 30 3.82 -6.43 -14.61
CA TYR A 30 4.30 -5.02 -14.65
C TYR A 30 4.42 -4.50 -16.12
N SER A 31 3.49 -4.92 -16.99
CA SER A 31 3.58 -4.70 -18.43
C SER A 31 3.21 -3.27 -18.85
N ASP A 32 2.65 -2.47 -17.91
CA ASP A 32 2.32 -1.05 -18.17
C ASP A 32 3.48 -0.09 -17.84
N PHE A 33 4.49 -0.62 -17.15
CA PHE A 33 5.60 0.20 -16.62
C PHE A 33 6.39 0.91 -17.71
N CYS A 34 6.45 0.33 -18.92
CA CYS A 34 7.10 1.01 -20.06
C CYS A 34 6.36 2.29 -20.48
N GLN A 35 5.14 2.47 -20.01
CA GLN A 35 4.36 3.67 -20.34
C GLN A 35 4.69 4.86 -19.42
N PHE A 36 5.38 4.59 -18.31
CA PHE A 36 5.70 5.64 -17.30
C PHE A 36 6.84 6.51 -17.87
N ARG A 37 6.97 7.75 -17.41
CA ARG A 37 8.22 8.48 -17.76
C ARG A 37 9.42 7.63 -17.31
N PRO A 38 10.52 7.61 -18.09
CA PRO A 38 11.58 6.64 -17.82
C PRO A 38 12.34 6.94 -16.54
N PRO A 39 12.87 5.88 -15.91
CA PRO A 39 13.73 5.97 -14.74
C PRO A 39 15.02 6.64 -15.18
N VAL A 40 15.58 7.52 -14.35
CA VAL A 40 16.90 8.09 -14.61
C VAL A 40 17.72 7.95 -13.32
N ARG A 41 18.91 7.39 -13.41
CA ARG A 41 19.74 7.19 -12.21
C ARG A 41 21.05 7.98 -12.30
N VAL A 42 21.11 9.10 -11.56
CA VAL A 42 22.27 9.98 -11.57
C VAL A 42 23.39 9.44 -10.72
N ASN A 43 24.58 10.00 -10.89
CA ASN A 43 25.72 9.68 -10.03
C ASN A 43 25.51 10.30 -8.65
N ASP A 44 25.17 9.44 -7.68
CA ASP A 44 24.93 9.84 -6.29
C ASP A 44 25.33 8.72 -5.29
N GLY A 45 26.52 8.14 -5.50
CA GLY A 45 26.98 7.00 -4.69
C GLY A 45 26.81 7.13 -3.17
N GLY A 46 26.94 8.35 -2.65
CA GLY A 46 26.74 8.59 -1.21
C GLY A 46 26.07 9.89 -0.78
N GLY A 47 24.78 10.07 -1.08
CA GLY A 47 23.90 9.03 -1.60
C GLY A 47 22.58 9.01 -0.85
N SER A 48 23.87 12.46 -1.69
CA SER A 48 23.82 13.89 -1.32
C SER A 48 22.40 14.42 -1.42
N VAL A 49 21.84 14.91 -0.30
CA VAL A 49 20.50 15.47 -0.29
C VAL A 49 20.38 16.66 -1.28
N THR A 50 21.42 17.51 -1.33
CA THR A 50 21.47 18.68 -2.22
C THR A 50 21.32 18.25 -3.68
N LEU A 51 22.14 17.28 -4.08
CA LEU A 51 22.05 16.74 -5.44
C LEU A 51 20.72 16.00 -5.73
N GLU A 52 20.28 15.16 -4.78
CA GLU A 52 19.02 14.46 -4.94
C GLU A 52 17.91 15.48 -5.19
N LEU A 53 17.82 16.52 -4.35
CA LEU A 53 16.77 17.57 -4.54
C LEU A 53 16.96 18.39 -5.81
N SER A 54 18.21 18.60 -6.19
CA SER A 54 18.50 19.35 -7.40
C SER A 54 18.00 18.66 -8.68
N GLN A 55 18.13 17.33 -8.71
N GLN A 55 18.15 17.33 -8.74
CA GLN A 55 17.84 16.55 -9.91
CA GLN A 55 17.78 16.56 -9.93
C GLN A 55 16.52 15.78 -9.87
C GLN A 55 16.38 15.96 -9.83
N LEU A 56 16.11 15.33 -8.68
CA LEU A 56 14.91 14.51 -8.50
C LEU A 56 14.78 13.51 -9.68
N SER A 57 15.87 12.86 -10.04
CA SER A 57 15.98 12.08 -11.28
C SER A 57 15.00 10.91 -11.40
N MET A 58 14.68 10.27 -10.25
CA MET A 58 13.73 9.13 -10.23
C MET A 58 12.29 9.51 -9.94
N LEU A 59 12.03 10.81 -9.71
CA LEU A 59 10.72 11.22 -9.26
C LEU A 59 9.67 11.09 -10.37
N PRO A 60 9.97 11.50 -11.61
CA PRO A 60 8.89 11.37 -12.63
C PRO A 60 8.45 9.90 -12.79
N HIS A 61 9.41 8.97 -12.83
CA HIS A 61 9.10 7.54 -12.95
C HIS A 61 8.32 7.00 -11.75
N LEU A 62 8.83 7.23 -10.54
CA LEU A 62 8.16 6.72 -9.32
C LEU A 62 6.86 7.44 -9.03
N ALA A 63 6.75 8.73 -9.36
CA ALA A 63 5.45 9.40 -9.25
C ALA A 63 4.38 8.83 -10.21
N ASP A 64 4.78 8.49 -11.44
CA ASP A 64 3.88 7.83 -12.40
C ASP A 64 3.51 6.44 -11.88
N LEU A 65 4.52 5.74 -11.36
CA LEU A 65 4.25 4.42 -10.75
C LEU A 65 3.23 4.53 -9.61
N VAL A 66 3.46 5.45 -8.68
CA VAL A 66 2.48 5.68 -7.57
C VAL A 66 1.09 6.17 -8.05
N SER A 67 1.05 7.10 -9.01
CA SER A 67 -0.23 7.54 -9.57
C SER A 67 -1.02 6.36 -10.17
N TYR A 68 -0.34 5.56 -11.00
CA TYR A 68 -0.92 4.35 -11.58
C TYR A 68 -1.46 3.44 -10.49
N SER A 69 -0.67 3.28 -9.40
CA SER A 69 -1.04 2.44 -8.25
C SER A 69 -2.24 2.99 -7.52
N ILE A 70 -2.29 4.31 -7.35
CA ILE A 70 -3.50 4.89 -6.74
C ILE A 70 -4.76 4.57 -7.56
N GLN A 71 -4.65 4.62 -8.88
CA GLN A 71 -5.79 4.30 -9.77
C GLN A 71 -6.24 2.86 -9.53
N LYS A 72 -5.26 1.96 -9.37
CA LYS A 72 -5.58 0.52 -9.16
C LYS A 72 -6.23 0.27 -7.79
N VAL A 73 -5.72 0.97 -6.78
CA VAL A 73 -6.34 0.97 -5.43
C VAL A 73 -7.82 1.46 -5.42
N ILE A 74 -8.11 2.56 -6.14
CA ILE A 74 -9.48 3.07 -6.23
C ILE A 74 -10.36 1.98 -6.84
N GLY A 75 -9.86 1.37 -7.89
CA GLY A 75 -10.57 0.24 -8.55
C GLY A 75 -10.81 -0.91 -7.61
N PHE A 76 -9.78 -1.27 -6.82
CA PHE A 76 -9.88 -2.39 -5.87
C PHE A 76 -10.93 -2.07 -4.80
N ALA A 77 -10.83 -0.86 -4.24
CA ALA A 77 -11.74 -0.41 -3.16
C ALA A 77 -13.21 -0.44 -3.61
N LYS A 78 -13.45 -0.01 -4.85
CA LYS A 78 -14.82 -0.02 -5.39
C LYS A 78 -15.47 -1.39 -5.39
N MET A 79 -14.65 -2.42 -5.38
CA MET A 79 -15.07 -3.82 -5.38
C MET A 79 -15.18 -4.48 -3.99
N ILE A 80 -14.76 -3.78 -2.94
CA ILE A 80 -14.86 -4.29 -1.58
C ILE A 80 -16.34 -4.38 -1.19
N PRO A 81 -16.83 -5.59 -0.82
CA PRO A 81 -18.25 -5.70 -0.44
C PRO A 81 -18.58 -4.67 0.65
N GLY A 82 -19.52 -3.79 0.35
CA GLY A 82 -19.98 -2.79 1.30
C GLY A 82 -19.49 -1.39 1.02
N PHE A 83 -18.35 -1.27 0.32
CA PHE A 83 -17.74 0.05 0.11
C PHE A 83 -18.66 0.99 -0.65
N ARG A 84 -19.41 0.46 -1.61
CA ARG A 84 -20.29 1.31 -2.42
C ARG A 84 -21.54 1.77 -1.66
N ASP A 85 -21.88 1.07 -0.58
CA ASP A 85 -22.95 1.47 0.39
C ASP A 85 -22.61 2.75 1.18
N LEU A 86 -21.33 3.13 1.19
CA LEU A 86 -20.89 4.35 1.87
C LEU A 86 -21.21 5.55 1.02
N THR A 87 -21.25 6.74 1.64
CA THR A 87 -21.47 7.98 0.93
C THR A 87 -20.24 8.24 0.11
N SER A 88 -20.46 8.88 -1.04
CA SER A 88 -19.37 9.30 -1.89
C SER A 88 -18.31 10.07 -1.09
N GLU A 89 -18.76 10.88 -0.13
N GLU A 89 -18.77 10.85 -0.11
CA GLU A 89 -17.84 11.67 0.71
CA GLU A 89 -17.90 11.69 0.71
C GLU A 89 -16.92 10.78 1.55
C GLU A 89 -16.97 10.83 1.61
N ASP A 90 -17.51 9.76 2.18
CA ASP A 90 -16.74 8.85 3.03
C ASP A 90 -15.81 7.96 2.19
N GLN A 91 -16.27 7.55 1.01
CA GLN A 91 -15.44 6.78 0.07
C GLN A 91 -14.14 7.52 -0.25
N ILE A 92 -14.25 8.80 -0.53
CA ILE A 92 -13.08 9.60 -0.87
C ILE A 92 -12.17 9.89 0.33
N VAL A 93 -12.75 10.09 1.50
CA VAL A 93 -11.97 10.31 2.73
C VAL A 93 -11.10 9.07 2.94
N LEU A 94 -11.72 7.89 2.84
CA LEU A 94 -11.07 6.62 3.10
C LEU A 94 -9.99 6.37 2.06
N LEU A 95 -10.29 6.64 0.80
CA LEU A 95 -9.30 6.46 -0.27
C LEU A 95 -8.08 7.35 -0.09
N LYS A 96 -8.29 8.64 0.11
CA LYS A 96 -7.17 9.54 0.24
C LYS A 96 -6.32 9.31 1.47
N SER A 97 -6.93 8.95 2.60
CA SER A 97 -6.12 8.69 3.78
C SER A 97 -5.43 7.31 3.78
N SER A 98 -5.94 6.34 3.02
CA SER A 98 -5.31 5.00 2.97
C SER A 98 -4.37 4.76 1.77
N ALA A 99 -4.49 5.59 0.72
CA ALA A 99 -3.77 5.35 -0.54
C ALA A 99 -2.30 4.95 -0.33
N ILE A 100 -1.54 5.78 0.38
CA ILE A 100 -0.11 5.47 0.57
C ILE A 100 0.12 4.13 1.33
N GLU A 101 -0.71 3.85 2.32
CA GLU A 101 -0.62 2.61 3.07
C GLU A 101 -0.93 1.35 2.21
N VAL A 102 -1.96 1.45 1.35
CA VAL A 102 -2.30 0.34 0.46
C VAL A 102 -1.23 0.14 -0.60
N ILE A 103 -0.66 1.23 -1.10
CA ILE A 103 0.48 1.12 -2.04
C ILE A 103 1.65 0.39 -1.35
N MET A 104 1.94 0.77 -0.11
CA MET A 104 3.02 0.07 0.64
C MET A 104 2.68 -1.42 0.82
N LEU A 105 1.45 -1.72 1.23
CA LEU A 105 0.99 -3.14 1.31
C LEU A 105 1.05 -3.89 -0.01
N ARG A 106 0.44 -3.36 -1.08
CA ARG A 106 0.37 -4.09 -2.31
C ARG A 106 1.74 -4.20 -2.98
N SER A 107 2.65 -3.28 -2.66
CA SER A 107 4.02 -3.34 -3.19
C SER A 107 4.78 -4.55 -2.65
N ASN A 108 4.29 -5.14 -1.57
CA ASN A 108 4.95 -6.36 -1.01
C ASN A 108 5.02 -7.51 -2.02
N GLU A 109 4.11 -7.48 -3.00
CA GLU A 109 4.06 -8.55 -4.01
C GLU A 109 5.23 -8.43 -5.00
N SER A 110 5.76 -7.23 -5.25
CA SER A 110 6.99 -7.13 -6.07
C SER A 110 8.29 -7.15 -5.24
N PHE A 111 8.16 -6.95 -3.96
CA PHE A 111 9.35 -6.92 -3.07
C PHE A 111 9.97 -8.30 -3.00
N THR A 112 11.31 -8.38 -3.04
CA THR A 112 12.01 -9.63 -2.92
C THR A 112 13.13 -9.54 -1.86
N MET A 113 13.22 -10.54 -1.01
CA MET A 113 14.32 -10.59 -0.05
C MET A 113 15.61 -11.14 -0.65
N ASP A 114 15.58 -11.54 -1.93
CA ASP A 114 16.79 -11.95 -2.65
C ASP A 114 17.83 -10.83 -2.56
N ASP A 115 17.43 -9.59 -2.86
CA ASP A 115 18.33 -8.43 -2.74
C ASP A 115 17.65 -7.21 -2.11
N MET A 116 16.51 -7.39 -1.44
CA MET A 116 15.84 -6.27 -0.78
C MET A 116 15.45 -5.13 -1.75
N SER A 117 14.82 -5.51 -2.85
CA SER A 117 14.36 -4.56 -3.85
C SER A 117 12.90 -4.83 -4.19
N TRP A 118 12.23 -3.84 -4.77
CA TRP A 118 10.96 -4.06 -5.44
C TRP A 118 11.35 -4.34 -6.88
N THR A 119 11.21 -5.59 -7.31
CA THR A 119 11.62 -6.03 -8.64
C THR A 119 10.40 -6.14 -9.56
N CYS A 120 10.23 -5.14 -10.41
CA CYS A 120 9.15 -5.14 -11.38
C CYS A 120 9.49 -5.40 -12.90
N GLY A 121 10.63 -5.95 -13.33
CA GLY A 121 12.00 -5.55 -12.97
C GLY A 121 13.01 -6.68 -13.13
N ASN A 122 13.58 -6.98 -14.29
CA ASN A 122 14.09 -6.10 -15.33
C ASN A 122 15.49 -5.74 -14.86
N GLN A 123 15.85 -4.50 -15.03
CA GLN A 123 16.92 -3.91 -14.28
C GLN A 123 16.46 -2.50 -14.19
N ASP A 124 15.90 -2.00 -15.29
CA ASP A 124 15.33 -0.65 -15.37
C ASP A 124 14.21 -0.49 -14.31
N TYR A 125 13.41 -1.54 -14.12
CA TYR A 125 12.27 -1.52 -13.18
C TYR A 125 12.52 -2.25 -11.85
N LYS A 126 13.76 -2.21 -11.38
CA LYS A 126 14.11 -2.68 -10.07
C LYS A 126 14.47 -1.46 -9.23
N TYR A 127 13.77 -1.30 -8.11
CA TYR A 127 13.88 -0.15 -7.23
C TYR A 127 14.49 -0.53 -5.89
N ARG A 128 15.60 0.19 -5.55
N ARG A 128 15.56 0.18 -5.53
CA ARG A 128 16.36 -0.03 -4.34
CA ARG A 128 16.23 -0.02 -4.28
C ARG A 128 16.28 1.24 -3.50
C ARG A 128 16.25 1.26 -3.48
N VAL A 129 16.78 1.18 -2.28
CA VAL A 129 16.90 2.30 -1.37
C VAL A 129 17.47 3.50 -2.11
N SER A 130 18.50 3.31 -2.92
CA SER A 130 19.12 4.45 -3.56
C SER A 130 18.21 5.09 -4.61
N ASP A 131 17.31 4.29 -5.22
CA ASP A 131 16.35 4.87 -6.19
C ASP A 131 15.35 5.76 -5.49
N VAL A 132 15.02 5.40 -4.25
CA VAL A 132 14.02 6.16 -3.48
C VAL A 132 14.64 7.44 -2.97
N THR A 133 15.92 7.43 -2.64
CA THR A 133 16.54 8.71 -2.30
C THR A 133 16.71 9.62 -3.52
N LYS A 134 16.90 9.05 -4.70
CA LYS A 134 16.87 9.83 -5.93
C LYS A 134 15.52 10.43 -6.27
N ALA A 135 14.46 10.03 -5.56
CA ALA A 135 13.18 10.68 -5.74
C ALA A 135 12.90 11.69 -4.64
N GLY A 136 13.88 11.99 -3.79
CA GLY A 136 13.67 13.06 -2.79
C GLY A 136 13.31 12.66 -1.37
N HIS A 137 13.29 11.35 -1.10
CA HIS A 137 13.00 10.83 0.23
C HIS A 137 14.26 10.51 0.98
N SER A 138 14.14 10.40 2.29
CA SER A 138 15.29 10.22 3.13
C SER A 138 15.13 8.90 3.91
N LEU A 139 16.21 8.49 4.61
CA LEU A 139 16.31 7.18 5.28
C LEU A 139 15.31 7.00 6.43
N GLU A 140 14.84 8.10 7.00
CA GLU A 140 13.85 8.03 8.08
C GLU A 140 12.52 7.43 7.61
N LEU A 141 12.27 7.50 6.29
CA LEU A 141 11.15 6.77 5.67
C LEU A 141 11.59 5.41 5.11
N ILE A 142 12.69 5.42 4.34
CA ILE A 142 13.02 4.26 3.51
C ILE A 142 13.43 3.06 4.36
N GLU A 143 14.25 3.31 5.37
CA GLU A 143 14.73 2.19 6.17
C GLU A 143 13.58 1.50 6.94
N PRO A 144 12.71 2.25 7.65
CA PRO A 144 11.58 1.48 8.21
C PRO A 144 10.61 0.88 7.18
N LEU A 145 10.54 1.45 5.97
CA LEU A 145 9.70 0.89 4.92
C LEU A 145 10.23 -0.48 4.52
N ILE A 146 11.54 -0.61 4.35
CA ILE A 146 12.19 -1.93 4.06
C ILE A 146 11.96 -2.94 5.21
N LYS A 147 12.13 -2.49 6.44
CA LYS A 147 11.88 -3.32 7.62
C LYS A 147 10.45 -3.86 7.55
N PHE A 148 9.52 -2.96 7.24
CA PHE A 148 8.09 -3.30 7.16
C PHE A 148 7.89 -4.35 6.08
N GLN A 149 8.55 -4.19 4.93
CA GLN A 149 8.39 -5.12 3.78
C GLN A 149 8.89 -6.52 4.14
N VAL A 150 10.06 -6.58 4.76
CA VAL A 150 10.61 -7.85 5.24
C VAL A 150 9.69 -8.53 6.29
N GLY A 151 9.22 -7.78 7.27
CA GLY A 151 8.30 -8.25 8.32
C GLY A 151 7.03 -8.84 7.70
N LEU A 152 6.53 -8.18 6.66
CA LEU A 152 5.31 -8.62 5.98
C LEU A 152 5.57 -9.84 5.14
N LYS A 153 6.69 -9.87 4.42
CA LYS A 153 7.07 -11.05 3.67
C LYS A 153 7.15 -12.28 4.56
N LYS A 154 7.76 -12.12 5.73
CA LYS A 154 7.92 -13.21 6.69
C LYS A 154 6.64 -13.69 7.37
N LEU A 155 5.54 -12.95 7.29
CA LEU A 155 4.23 -13.50 7.68
C LEU A 155 3.74 -14.57 6.68
N ASN A 156 4.29 -14.57 5.45
CA ASN A 156 4.01 -15.60 4.47
C ASN A 156 2.51 -15.69 4.26
N LEU A 157 1.87 -14.56 3.99
CA LEU A 157 0.41 -14.52 3.91
C LEU A 157 -0.13 -15.30 2.72
N HIS A 158 -1.29 -15.92 2.89
CA HIS A 158 -2.04 -16.50 1.78
C HIS A 158 -2.57 -15.33 0.98
N GLU A 159 -2.81 -15.50 -0.31
CA GLU A 159 -3.34 -14.36 -1.06
C GLU A 159 -4.68 -13.87 -0.46
N GLU A 160 -5.46 -14.80 0.10
CA GLU A 160 -6.73 -14.44 0.75
C GLU A 160 -6.51 -13.50 1.95
N GLU A 161 -5.44 -13.73 2.70
CA GLU A 161 -5.15 -12.89 3.87
C GLU A 161 -4.65 -11.51 3.43
N HIS A 162 -3.83 -11.51 2.38
CA HIS A 162 -3.27 -10.30 1.77
C HIS A 162 -4.37 -9.34 1.28
N VAL A 163 -5.32 -9.84 0.47
CA VAL A 163 -6.41 -8.99 -0.04
C VAL A 163 -7.37 -8.53 1.08
N LEU A 164 -7.59 -9.39 2.08
CA LEU A 164 -8.41 -8.98 3.24
C LEU A 164 -7.72 -7.89 4.05
N LEU A 165 -6.41 -7.99 4.23
CA LEU A 165 -5.65 -6.97 4.96
C LEU A 165 -5.70 -5.65 4.23
N MET A 166 -5.57 -5.65 2.90
CA MET A 166 -5.73 -4.39 2.16
C MET A 166 -7.15 -3.77 2.31
N ALA A 167 -8.18 -4.62 2.23
CA ALA A 167 -9.58 -4.16 2.37
C ALA A 167 -9.82 -3.58 3.76
N ILE A 168 -9.31 -4.28 4.77
CA ILE A 168 -9.44 -3.80 6.16
C ILE A 168 -8.71 -2.47 6.34
N CYS A 169 -7.51 -2.35 5.76
CA CYS A 169 -6.77 -1.08 5.80
C CYS A 169 -7.62 0.09 5.26
N ILE A 170 -8.24 -0.11 4.11
CA ILE A 170 -9.04 0.94 3.45
C ILE A 170 -10.31 1.34 4.21
N VAL A 171 -11.08 0.35 4.67
CA VAL A 171 -12.35 0.61 5.35
C VAL A 171 -12.08 0.74 6.88
N SER A 172 -11.45 1.83 7.27
CA SER A 172 -11.02 2.01 8.67
C SER A 172 -11.87 3.14 9.23
N PRO A 173 -12.62 2.89 10.34
CA PRO A 173 -13.51 3.90 10.89
C PRO A 173 -12.80 5.11 11.57
N ASP A 174 -11.54 4.92 11.99
CA ASP A 174 -10.71 6.01 12.51
C ASP A 174 -9.75 6.56 11.47
N ARG A 175 -10.29 7.30 10.52
CA ARG A 175 -9.50 8.16 9.68
C ARG A 175 -10.05 9.54 9.96
N PRO A 176 -9.20 10.58 9.96
CA PRO A 176 -9.71 11.94 10.12
C PRO A 176 -10.77 12.29 9.09
N GLY A 177 -11.92 12.79 9.56
CA GLY A 177 -12.93 13.38 8.67
C GLY A 177 -14.02 12.46 8.14
N VAL A 178 -14.04 11.20 8.58
CA VAL A 178 -15.14 10.30 8.21
C VAL A 178 -16.44 10.73 8.92
N GLN A 179 -17.57 10.60 8.24
CA GLN A 179 -18.82 10.99 8.81
C GLN A 179 -19.55 9.83 9.45
N ASP A 180 -19.77 8.77 8.69
CA ASP A 180 -20.49 7.60 9.23
C ASP A 180 -19.53 6.51 9.71
N ALA A 181 -18.84 6.80 10.82
CA ALA A 181 -17.90 5.86 11.41
C ALA A 181 -18.55 4.51 11.73
N ALA A 182 -19.82 4.51 12.14
CA ALA A 182 -20.50 3.24 12.47
C ALA A 182 -20.70 2.32 11.29
N LEU A 183 -21.10 2.88 10.14
CA LEU A 183 -21.24 2.08 8.92
C LEU A 183 -19.88 1.51 8.49
N ILE A 184 -18.87 2.37 8.44
CA ILE A 184 -17.51 1.94 8.09
C ILE A 184 -17.03 0.80 9.03
N GLU A 185 -17.27 0.96 10.34
CA GLU A 185 -16.91 -0.04 11.34
C GLU A 185 -17.64 -1.37 11.12
N ALA A 186 -18.94 -1.29 10.78
CA ALA A 186 -19.71 -2.49 10.40
C ALA A 186 -19.09 -3.25 9.21
N ILE A 187 -18.76 -2.53 8.15
CA ILE A 187 -18.10 -3.13 6.97
C ILE A 187 -16.75 -3.71 7.36
N GLN A 188 -15.97 -2.93 8.10
CA GLN A 188 -14.67 -3.45 8.54
C GLN A 188 -14.79 -4.70 9.39
N ASP A 189 -15.79 -4.70 10.29
CA ASP A 189 -15.97 -5.84 11.21
C ASP A 189 -16.27 -7.11 10.45
N ARG A 190 -17.13 -7.01 9.44
CA ARG A 190 -17.45 -8.13 8.54
C ARG A 190 -16.18 -8.69 7.86
N LEU A 191 -15.32 -7.79 7.39
CA LEU A 191 -14.03 -8.21 6.81
C LEU A 191 -13.08 -8.81 7.85
N SER A 192 -13.00 -8.16 9.00
CA SER A 192 -12.14 -8.63 10.08
C SER A 192 -12.55 -10.01 10.59
N ASN A 193 -13.86 -10.21 10.78
CA ASN A 193 -14.38 -11.52 11.14
C ASN A 193 -14.07 -12.58 10.08
N THR A 194 -14.19 -12.21 8.82
CA THR A 194 -13.84 -13.10 7.71
C THR A 194 -12.40 -13.53 7.80
N LEU A 195 -11.51 -12.54 8.00
CA LEU A 195 -10.07 -12.83 8.12
C LEU A 195 -9.76 -13.72 9.33
N GLN A 196 -10.32 -13.36 10.48
CA GLN A 196 -10.11 -14.19 11.68
C GLN A 196 -10.50 -15.66 11.53
N THR A 197 -11.70 -15.89 11.02
CA THR A 197 -12.25 -17.22 10.68
C THR A 197 -11.40 -17.94 9.66
N TYR A 198 -11.04 -17.25 8.56
CA TYR A 198 -10.12 -17.82 7.56
C TYR A 198 -8.82 -18.32 8.21
N ILE A 199 -8.15 -17.48 8.98
CA ILE A 199 -6.87 -17.88 9.61
C ILE A 199 -7.05 -19.16 10.49
N ARG A 200 -8.11 -19.19 11.30
N ARG A 200 -8.11 -19.21 11.28
CA ARG A 200 -8.47 -20.35 12.14
CA ARG A 200 -8.38 -20.37 12.14
C ARG A 200 -8.68 -21.63 11.33
C ARG A 200 -8.80 -21.66 11.40
N CYS A 201 -9.43 -21.52 10.24
CA CYS A 201 -9.82 -22.66 9.38
C CYS A 201 -8.74 -23.21 8.54
N ARG A 202 -7.94 -22.31 7.97
CA ARG A 202 -7.19 -22.63 6.76
C ARG A 202 -5.70 -22.46 6.95
N HIS A 203 -5.30 -21.89 8.07
CA HIS A 203 -3.88 -21.60 8.23
C HIS A 203 -3.19 -22.58 9.15
N PRO A 204 -2.25 -23.37 8.59
CA PRO A 204 -1.48 -24.36 9.35
C PRO A 204 -0.27 -23.73 10.07
N PRO A 205 0.29 -24.38 11.15
CA PRO A 205 -0.15 -25.50 12.01
C PRO A 205 -1.68 -25.73 12.15
N PRO A 206 -2.43 -24.97 13.03
CA PRO A 206 -2.22 -23.97 14.11
C PRO A 206 -2.06 -24.59 15.53
N GLY A 207 -1.71 -23.81 16.58
CA GLY A 207 -1.95 -22.36 16.66
C GLY A 207 -0.93 -21.27 16.33
N SER A 208 -0.71 -21.04 15.03
CA SER A 208 -0.22 -19.72 14.56
C SER A 208 -1.39 -18.75 14.71
N HIS A 209 -2.05 -18.82 15.88
CA HIS A 209 -3.16 -17.92 16.22
C HIS A 209 -2.63 -16.60 16.77
N LEU A 210 -1.34 -16.35 16.59
CA LEU A 210 -0.81 -15.01 16.71
C LEU A 210 -0.83 -14.32 15.35
N LEU A 211 -1.20 -15.03 14.28
CA LEU A 211 -1.10 -14.41 12.95
C LEU A 211 -2.02 -13.18 12.84
N TYR A 212 -3.27 -13.30 13.27
CA TYR A 212 -4.16 -12.15 13.22
C TYR A 212 -3.59 -10.92 13.97
N ALA A 213 -3.03 -11.12 15.15
CA ALA A 213 -2.50 -9.97 15.90
C ALA A 213 -1.24 -9.41 15.22
N LYS A 214 -0.42 -10.27 14.61
CA LYS A 214 0.70 -9.79 13.80
C LYS A 214 0.22 -8.89 12.63
N MET A 215 -0.88 -9.29 12.00
CA MET A 215 -1.46 -8.53 10.85
C MET A 215 -2.02 -7.20 11.31
N ILE A 216 -2.71 -7.19 12.45
CA ILE A 216 -3.23 -5.94 13.00
C ILE A 216 -2.06 -5.00 13.38
N GLN A 217 -0.99 -5.54 13.94
CA GLN A 217 0.22 -4.74 14.19
C GLN A 217 0.80 -4.07 12.92
N LYS A 218 0.77 -4.75 11.77
CA LYS A 218 1.23 -4.15 10.48
C LYS A 218 0.36 -2.95 10.13
N LEU A 219 -0.93 -3.03 10.42
CA LEU A 219 -1.80 -1.88 10.20
C LEU A 219 -1.37 -0.65 11.05
N ALA A 220 -1.00 -0.89 12.32
CA ALA A 220 -0.45 0.19 13.15
C ALA A 220 0.88 0.69 12.57
N ASP A 221 1.77 -0.21 12.13
CA ASP A 221 3.04 0.20 11.54
C ASP A 221 2.81 1.11 10.33
N LEU A 222 1.82 0.77 9.52
CA LEU A 222 1.46 1.55 8.33
C LEU A 222 1.04 3.01 8.64
N ARG A 223 0.34 3.23 9.77
CA ARG A 223 -0.03 4.58 10.23
C ARG A 223 1.21 5.42 10.48
N SER A 224 2.22 4.79 11.08
N SER A 224 2.27 4.81 11.01
CA SER A 224 3.50 5.44 11.32
CA SER A 224 3.50 5.56 11.29
C SER A 224 4.17 5.86 10.02
C SER A 224 4.37 5.82 10.05
N LEU A 225 4.30 4.92 9.08
CA LEU A 225 4.92 5.17 7.79
C LEU A 225 4.15 6.24 7.02
N ASN A 226 2.83 6.24 7.14
CA ASN A 226 1.96 7.27 6.55
C ASN A 226 2.32 8.68 7.14
N GLU A 227 2.42 8.83 8.45
CA GLU A 227 2.83 10.13 9.00
C GLU A 227 4.20 10.57 8.51
N GLU A 228 5.18 9.69 8.50
CA GLU A 228 6.51 10.02 7.96
C GLU A 228 6.49 10.37 6.46
N HIS A 229 5.76 9.60 5.65
CA HIS A 229 5.64 9.96 4.24
C HIS A 229 5.06 11.40 4.05
N SER A 230 4.01 11.71 4.80
CA SER A 230 3.37 13.01 4.75
C SER A 230 4.38 14.15 5.03
N LYS A 231 5.20 13.99 6.07
CA LYS A 231 6.26 14.96 6.40
C LYS A 231 7.21 15.16 5.22
N GLN A 232 7.67 14.04 4.67
CA GLN A 232 8.65 14.09 3.60
C GLN A 232 8.07 14.57 2.25
N TYR A 233 6.81 14.23 2.00
CA TYR A 233 6.17 14.73 0.79
C TYR A 233 6.06 16.26 0.87
N ARG A 234 5.72 16.77 2.05
CA ARG A 234 5.66 18.23 2.27
C ARG A 234 7.00 18.89 1.88
N CYS A 235 8.13 18.33 2.29
N CYS A 235 8.13 18.33 2.35
CA CYS A 235 9.44 18.92 1.96
CA CYS A 235 9.49 18.78 1.97
C CYS A 235 9.83 18.77 0.48
C CYS A 235 9.65 18.81 0.46
N LEU A 236 9.46 17.65 -0.14
CA LEU A 236 9.53 17.48 -1.58
C LEU A 236 8.73 18.55 -2.29
N SER A 237 7.55 18.84 -1.78
CA SER A 237 6.64 19.83 -2.38
C SER A 237 7.22 21.27 -2.40
N PHE A 238 8.19 21.55 -1.53
CA PHE A 238 8.86 22.86 -1.50
C PHE A 238 9.90 23.03 -2.58
N GLN A 239 10.27 21.95 -3.25
CA GLN A 239 11.30 22.05 -4.31
C GLN A 239 10.73 22.74 -5.55
N PRO A 240 11.32 23.89 -5.95
CA PRO A 240 10.77 24.55 -7.15
C PRO A 240 10.63 23.60 -8.37
N GLU A 241 9.52 23.71 -9.08
CA GLU A 241 9.20 22.86 -10.26
C GLU A 241 8.90 21.40 -9.92
N CYS A 242 8.72 21.06 -8.64
CA CYS A 242 8.43 19.69 -8.28
C CYS A 242 7.08 19.19 -8.85
N SER A 243 6.09 20.08 -8.92
CA SER A 243 4.73 19.69 -9.37
C SER A 243 4.70 19.08 -10.78
N MET A 244 5.65 19.55 -11.78
N MET A 244 5.60 19.51 -11.67
CA MET A 244 5.83 18.99 -13.13
CA MET A 244 5.65 18.96 -13.00
C MET A 244 6.24 17.53 -13.07
C MET A 244 6.24 17.53 -13.02
N LYS A 245 6.94 17.17 -11.95
CA LYS A 245 7.51 15.83 -11.81
C LYS A 245 6.50 14.87 -11.20
N LEU A 246 5.42 15.39 -10.65
CA LEU A 246 4.35 14.61 -10.03
C LEU A 246 3.23 14.43 -11.03
N THR A 247 2.00 14.19 -10.57
CA THR A 247 0.83 14.08 -11.46
C THR A 247 -0.33 14.74 -10.72
N PRO A 248 -1.40 15.20 -11.44
CA PRO A 248 -2.62 15.71 -10.78
C PRO A 248 -3.19 14.85 -9.65
N LEU A 249 -3.31 13.54 -9.88
CA LEU A 249 -3.82 12.64 -8.84
C LEU A 249 -2.91 12.62 -7.62
N VAL A 250 -1.60 12.50 -7.82
CA VAL A 250 -0.65 12.51 -6.67
C VAL A 250 -0.75 13.84 -5.85
N LEU A 251 -0.77 14.95 -6.58
CA LEU A 251 -0.91 16.27 -5.98
C LEU A 251 -2.15 16.37 -5.07
N GLU A 252 -3.28 15.90 -5.57
CA GLU A 252 -4.53 15.93 -4.82
C GLU A 252 -4.51 15.03 -3.59
N VAL A 253 -4.12 13.77 -3.81
CA VAL A 253 -4.12 12.78 -2.73
C VAL A 253 -3.16 13.18 -1.58
N PHE A 254 -1.97 13.65 -1.93
CA PHE A 254 -0.97 13.95 -0.91
C PHE A 254 -0.88 15.43 -0.50
N GLY A 255 -1.49 16.33 -1.26
CA GLY A 255 -1.43 17.79 -0.98
C GLY A 255 -1.99 18.28 0.37
C2 90L B . 9.18 1.23 -5.00
C3 90L B . 7.87 1.23 -4.70
C4 90L B . 7.25 2.26 -3.75
C5 90L B . 8.15 3.46 -3.39
C6 90L B . 9.59 2.98 -3.19
O35 90L B . -0.59 -2.98 -10.25
C34 90L B . 0.67 -3.54 -10.69
C33 90L B . 1.79 -2.71 -10.05
C32 90L B . 1.98 -2.98 -8.57
C27 90L B . 3.02 -2.02 -7.93
C26 90L B . 4.42 -2.62 -7.74
O31 90L B . 4.35 -3.62 -6.74
C25 90L B . 5.43 -1.61 -7.15
C28 90L B . 2.48 -1.57 -6.56
O30 90L B . 1.34 -0.72 -6.74
C29 90L B . 3.50 -0.79 -5.74
C24 90L B . 4.82 -0.75 -6.04
C23 90L B . 5.68 0.21 -5.27
C22 90L B . 7.02 0.25 -5.42
C7 90L B . 6.70 1.71 -2.41
C8 90L B . 6.46 3.01 -1.67
C9 90L B . 7.60 3.97 -2.05
C10 90L B . 8.15 4.54 -4.51
C1 90L B . 10.20 2.19 -4.37
C12 90L B . 7.28 5.49 -1.83
C14 90L B . 7.32 5.83 -0.33
C15 90L B . 5.97 5.99 -2.44
C16 90L B . 5.78 7.51 -2.36
C17 90L B . 6.64 8.27 -3.34
C18 90L B . 6.24 9.74 -3.55
O21 90L B . 6.28 10.43 -2.29
C20 90L B . 7.32 10.25 -4.47
C19 90L B . 4.87 10.00 -4.16
#